data_5F3Q
#
_entry.id   5F3Q
#
_cell.length_a   43.281
_cell.length_b   91.015
_cell.length_c   102.746
_cell.angle_alpha   90.00
_cell.angle_beta   90.00
_cell.angle_gamma   90.00
#
_symmetry.space_group_name_H-M   'P 21 21 21'
#
loop_
_entity.id
_entity.type
_entity.pdbx_description
1 polymer 'Putative uncharacterized protein'
2 non-polymer 'SULFATE ION'
3 water water
#
_entity_poly.entity_id   1
_entity_poly.type   'polypeptide(L)'
_entity_poly.pdbx_seq_one_letter_code
;SSSTTLHNA(MSE)QYTAFDVLSSILNL(MSE)KADPLYDLLQLNQAYSSQDQEYEKNEFYGDSYLEERASSLVLKFLRK
YEQIPFE(MSE)YSGLRIHTVKNQTLGEIFDLLHLGDTKTFEKKKKGDLVESLIGGCVLLSQRENATLFLLFAHALIDYI
FYHSSYIYFNANPPKLVKEEIITDIQNWFKDKLFYYRSSLEKYQT
;
_entity_poly.pdbx_strand_id   A,B
#
loop_
_chem_comp.id
_chem_comp.type
_chem_comp.name
_chem_comp.formula
SO4 non-polymer 'SULFATE ION' 'O4 S -2'
#
# COMPACT_ATOMS: atom_id res chain seq x y z
N SER A 2 0.88 -28.12 18.95
CA SER A 2 0.31 -26.78 18.93
C SER A 2 1.16 -25.81 18.13
N SER A 3 0.74 -24.53 18.09
CA SER A 3 1.47 -23.51 17.35
C SER A 3 2.87 -23.26 17.92
N THR A 4 3.11 -23.59 19.20
CA THR A 4 4.44 -23.42 19.77
C THR A 4 5.42 -24.47 19.26
N THR A 5 4.92 -25.66 18.93
CA THR A 5 5.79 -26.76 18.53
C THR A 5 6.69 -26.39 17.35
N LEU A 6 6.13 -25.87 16.27
CA LEU A 6 6.91 -25.63 15.07
C LEU A 6 7.32 -24.18 14.87
N HIS A 7 7.15 -23.33 15.89
CA HIS A 7 7.55 -21.93 15.76
C HIS A 7 9.05 -21.80 15.46
N ASN A 8 9.91 -22.47 16.24
CA ASN A 8 11.35 -22.41 15.95
C ASN A 8 11.64 -22.82 14.52
N ALA A 9 10.98 -23.88 14.06
CA ALA A 9 11.17 -24.34 12.69
C ALA A 9 10.81 -23.25 11.68
N MSE A 10 9.81 -22.41 11.99
CA MSE A 10 9.37 -21.36 11.08
C MSE A 10 10.52 -20.44 10.72
O MSE A 10 10.70 -20.03 9.57
CB MSE A 10 8.23 -20.52 11.69
CG MSE A 10 6.95 -21.27 12.01
SE MSE A 10 6.27 -22.25 10.40
CE MSE A 10 6.72 -24.04 10.96
N GLN A 11 11.31 -20.13 11.75
CA GLN A 11 12.40 -19.16 11.59
C GLN A 11 13.54 -19.72 10.75
N TYR A 12 13.88 -21.01 10.87
CA TYR A 12 14.98 -21.55 10.08
C TYR A 12 14.63 -21.60 8.60
N THR A 13 13.42 -22.08 8.28
CA THR A 13 13.04 -22.20 6.88
C THR A 13 12.82 -20.82 6.26
N ALA A 14 12.27 -19.88 7.02
CA ALA A 14 12.18 -18.51 6.53
C ALA A 14 13.56 -17.95 6.21
N PHE A 15 14.54 -18.24 7.06
CA PHE A 15 15.90 -17.82 6.75
C PHE A 15 16.42 -18.50 5.49
N ASP A 16 16.16 -19.80 5.34
CA ASP A 16 16.61 -20.53 4.15
C ASP A 16 16.03 -19.93 2.88
N VAL A 17 14.71 -19.74 2.86
CA VAL A 17 14.05 -19.36 1.62
C VAL A 17 14.35 -17.90 1.29
N LEU A 18 14.34 -17.02 2.29
CA LEU A 18 14.63 -15.61 2.03
C LEU A 18 16.09 -15.37 1.65
N SER A 19 17.03 -16.02 2.34
CA SER A 19 18.44 -15.92 1.95
C SER A 19 18.65 -16.38 0.52
N SER A 20 17.91 -17.43 0.10
CA SER A 20 18.12 -17.96 -1.24
C SER A 20 17.56 -17.02 -2.29
N ILE A 21 16.43 -16.36 -2.00
CA ILE A 21 15.94 -15.37 -2.95
C ILE A 21 16.89 -14.18 -3.01
N LEU A 22 17.41 -13.75 -1.86
CA LEU A 22 18.27 -12.58 -1.85
C LEU A 22 19.56 -12.84 -2.63
N ASN A 23 20.13 -14.06 -2.51
CA ASN A 23 21.35 -14.39 -3.26
C ASN A 23 21.10 -14.43 -4.76
N LEU A 24 19.96 -14.99 -5.20
CA LEU A 24 19.62 -14.92 -6.61
C LEU A 24 19.51 -13.47 -7.09
N MSE A 25 18.92 -12.60 -6.26
CA MSE A 25 18.80 -11.18 -6.58
C MSE A 25 20.18 -10.53 -6.80
O MSE A 25 20.37 -9.83 -7.77
CB MSE A 25 18.05 -10.44 -5.48
CG MSE A 25 16.55 -10.57 -5.55
SE MSE A 25 15.78 -10.00 -3.84
CE MSE A 25 16.58 -8.21 -3.70
N LYS A 26 21.11 -10.80 -5.88
CA LYS A 26 22.45 -10.25 -5.99
C LYS A 26 23.21 -10.78 -7.20
N ALA A 27 22.79 -11.92 -7.75
CA ALA A 27 23.39 -12.41 -8.99
C ALA A 27 22.68 -11.90 -10.23
N ASP A 28 21.59 -11.08 -10.07
CA ASP A 28 20.75 -10.52 -11.11
C ASP A 28 21.35 -9.22 -11.64
N PRO A 29 21.33 -9.01 -12.96
CA PRO A 29 21.85 -7.76 -13.51
C PRO A 29 21.17 -6.53 -12.93
N LEU A 30 19.84 -6.59 -12.74
CA LEU A 30 19.10 -5.44 -12.20
C LEU A 30 19.42 -5.12 -10.74
N TYR A 31 20.19 -5.96 -10.04
CA TYR A 31 20.40 -5.72 -8.61
C TYR A 31 21.04 -4.35 -8.35
N ASP A 32 21.93 -3.92 -9.26
CA ASP A 32 22.67 -2.68 -9.05
C ASP A 32 21.74 -1.47 -9.00
N LEU A 33 20.69 -1.47 -9.83
CA LEU A 33 19.71 -0.39 -9.85
C LEU A 33 19.06 -0.13 -8.50
N LEU A 34 19.33 -0.95 -7.47
CA LEU A 34 18.78 -0.68 -6.14
C LEU A 34 19.66 0.27 -5.34
N GLN A 35 20.78 -0.24 -4.83
CA GLN A 35 21.53 0.38 -3.73
C GLN A 35 23.01 0.58 -4.07
N ASP A 44 21.52 13.21 -5.21
CA ASP A 44 20.24 12.51 -5.34
C ASP A 44 19.94 11.66 -4.12
N GLN A 45 18.69 11.23 -4.00
CA GLN A 45 18.16 10.64 -2.77
C GLN A 45 17.31 9.42 -3.08
N GLU A 46 17.84 8.52 -3.92
CA GLU A 46 17.08 7.34 -4.31
C GLU A 46 16.75 6.46 -3.12
N TYR A 47 17.62 6.41 -2.12
CA TYR A 47 17.37 5.61 -0.92
C TYR A 47 16.12 6.08 -0.17
N GLU A 48 15.99 7.40 0.06
CA GLU A 48 14.85 7.92 0.81
C GLU A 48 13.55 7.74 0.02
N LYS A 49 13.62 7.74 -1.31
CA LYS A 49 12.44 7.50 -2.13
C LYS A 49 11.99 6.05 -2.03
N ASN A 50 12.95 5.11 -1.97
CA ASN A 50 12.60 3.71 -1.73
C ASN A 50 12.00 3.52 -0.34
N GLU A 51 12.58 4.16 0.66
CA GLU A 51 12.03 4.09 2.03
C GLU A 51 10.63 4.68 2.07
N PHE A 52 10.47 5.86 1.47
CA PHE A 52 9.19 6.55 1.33
C PHE A 52 8.11 5.61 0.79
N TYR A 53 8.41 4.94 -0.33
CA TYR A 53 7.42 4.04 -0.91
C TYR A 53 7.31 2.74 -0.13
N GLY A 54 8.43 2.18 0.33
CA GLY A 54 8.37 0.91 1.05
C GLY A 54 7.55 0.99 2.31
N ASP A 55 7.66 2.10 3.03
CA ASP A 55 6.86 2.36 4.23
C ASP A 55 5.36 2.21 3.95
N SER A 56 4.88 2.83 2.88
CA SER A 56 3.46 2.75 2.54
C SER A 56 3.10 1.38 1.97
N TYR A 57 4.00 0.76 1.19
CA TYR A 57 3.70 -0.57 0.66
C TYR A 57 3.55 -1.58 1.79
N LEU A 58 4.48 -1.56 2.74
CA LEU A 58 4.37 -2.37 3.94
C LEU A 58 3.06 -2.09 4.69
N GLU A 59 2.70 -0.82 4.81
CA GLU A 59 1.49 -0.47 5.55
C GLU A 59 0.25 -1.09 4.93
N GLU A 60 0.11 -0.97 3.61
CA GLU A 60 -1.07 -1.53 2.97
C GLU A 60 -1.09 -3.06 3.09
N ARG A 61 0.05 -3.71 2.81
CA ARG A 61 0.06 -5.17 2.85
C ARG A 61 -0.18 -5.69 4.26
N ALA A 62 0.42 -5.04 5.26
CA ALA A 62 0.17 -5.45 6.64
C ALA A 62 -1.30 -5.28 7.00
N SER A 63 -1.90 -4.15 6.60
CA SER A 63 -3.32 -3.94 6.87
C SER A 63 -4.17 -5.00 6.19
N SER A 64 -3.83 -5.34 4.96
CA SER A 64 -4.57 -6.38 4.25
C SER A 64 -4.50 -7.71 4.97
N LEU A 65 -3.32 -8.07 5.49
CA LEU A 65 -3.16 -9.32 6.22
C LEU A 65 -3.88 -9.30 7.56
N VAL A 66 -3.85 -8.17 8.27
CA VAL A 66 -4.59 -8.04 9.51
C VAL A 66 -6.06 -8.36 9.27
N LEU A 67 -6.64 -7.75 8.23
CA LEU A 67 -8.05 -7.93 7.92
C LEU A 67 -8.35 -9.37 7.52
N LYS A 68 -7.49 -9.95 6.68
CA LYS A 68 -7.65 -11.33 6.22
C LYS A 68 -7.81 -12.30 7.38
N PHE A 69 -6.99 -12.16 8.42
CA PHE A 69 -7.04 -13.14 9.50
C PHE A 69 -7.98 -12.75 10.63
N LEU A 70 -8.04 -11.47 11.00
CA LEU A 70 -8.80 -11.11 12.20
C LEU A 70 -10.30 -11.14 11.97
N ARG A 71 -10.75 -10.85 10.73
CA ARG A 71 -12.19 -10.79 10.44
C ARG A 71 -12.89 -12.14 10.65
N LYS A 72 -12.17 -13.26 10.62
CA LYS A 72 -12.82 -14.54 10.85
C LYS A 72 -13.34 -14.72 12.27
N TYR A 73 -12.85 -13.95 13.24
CA TYR A 73 -13.07 -14.26 14.66
C TYR A 73 -13.78 -13.10 15.34
N GLU A 74 -15.09 -13.25 15.55
CA GLU A 74 -15.83 -12.14 16.15
C GLU A 74 -15.41 -11.89 17.58
N GLN A 75 -14.70 -12.83 18.21
CA GLN A 75 -14.18 -12.63 19.55
C GLN A 75 -13.14 -11.53 19.59
N ILE A 76 -12.57 -11.16 18.46
CA ILE A 76 -11.40 -10.28 18.40
C ILE A 76 -11.90 -8.85 18.22
N PRO A 77 -11.71 -7.96 19.20
CA PRO A 77 -12.23 -6.59 19.07
C PRO A 77 -11.42 -5.78 18.09
N PHE A 78 -12.00 -4.63 17.69
CA PHE A 78 -11.38 -3.83 16.65
C PHE A 78 -10.06 -3.21 17.11
N GLU A 79 -9.89 -2.97 18.43
CA GLU A 79 -8.64 -2.43 18.95
C GLU A 79 -7.44 -3.30 18.58
N MSE A 80 -7.63 -4.60 18.46
CA MSE A 80 -6.51 -5.48 18.09
C MSE A 80 -6.13 -5.33 16.61
O MSE A 80 -5.04 -5.73 16.23
CB MSE A 80 -6.84 -6.93 18.40
CG MSE A 80 -6.93 -7.20 19.91
SE MSE A 80 -7.07 -9.11 20.28
CE MSE A 80 -5.20 -9.45 20.66
N TYR A 81 -7.01 -4.75 15.79
CA TYR A 81 -6.65 -4.50 14.39
C TYR A 81 -5.56 -3.45 14.29
N SER A 82 -5.81 -2.25 14.81
CA SER A 82 -4.74 -1.25 14.84
C SER A 82 -3.61 -1.71 15.75
N GLY A 83 -3.94 -2.41 16.85
CA GLY A 83 -2.90 -2.93 17.72
C GLY A 83 -1.93 -3.84 16.98
N LEU A 84 -2.45 -4.84 16.25
CA LEU A 84 -1.54 -5.72 15.50
C LEU A 84 -0.85 -4.96 14.37
N ARG A 85 -1.56 -4.08 13.65
CA ARG A 85 -0.91 -3.35 12.57
C ARG A 85 0.28 -2.55 13.09
N ILE A 86 0.06 -1.78 14.17
CA ILE A 86 1.13 -0.99 14.76
C ILE A 86 2.30 -1.86 15.18
N HIS A 87 2.01 -2.96 15.87
CA HIS A 87 3.04 -3.91 16.29
C HIS A 87 3.81 -4.46 15.10
N THR A 88 3.16 -4.59 13.95
CA THR A 88 3.79 -5.26 12.82
C THR A 88 4.77 -4.34 12.09
N VAL A 89 4.44 -3.05 11.99
CA VAL A 89 5.24 -2.13 11.17
C VAL A 89 6.19 -1.26 12.00
N LYS A 90 6.22 -1.41 13.31
CA LYS A 90 7.09 -0.55 14.11
C LYS A 90 8.55 -0.95 13.94
N ASN A 91 9.46 0.00 14.22
CA ASN A 91 10.90 -0.20 14.02
C ASN A 91 11.45 -1.34 14.85
N GLN A 92 10.94 -1.55 16.07
CA GLN A 92 11.42 -2.66 16.87
C GLN A 92 11.20 -3.99 16.16
N THR A 93 10.03 -4.16 15.54
CA THR A 93 9.71 -5.40 14.86
C THR A 93 10.58 -5.56 13.62
N LEU A 94 10.71 -4.50 12.82
CA LEU A 94 11.53 -4.56 11.62
C LEU A 94 13.00 -4.84 11.94
N GLY A 95 13.50 -4.28 13.04
CA GLY A 95 14.87 -4.56 13.45
C GLY A 95 15.09 -6.01 13.81
N GLU A 96 14.11 -6.61 14.51
CA GLU A 96 14.19 -8.04 14.81
C GLU A 96 14.28 -8.88 13.54
N ILE A 97 13.46 -8.55 12.54
CA ILE A 97 13.52 -9.28 11.28
C ILE A 97 14.85 -9.04 10.57
N PHE A 98 15.36 -7.82 10.65
CA PHE A 98 16.69 -7.50 10.15
C PHE A 98 17.75 -8.44 10.74
N ASP A 99 17.72 -8.60 12.06
CA ASP A 99 18.68 -9.46 12.75
C ASP A 99 18.48 -10.93 12.39
N LEU A 100 17.23 -11.41 12.42
CA LEU A 100 16.95 -12.80 12.08
C LEU A 100 17.47 -13.18 10.69
N LEU A 101 17.34 -12.28 9.73
CA LEU A 101 17.81 -12.51 8.38
C LEU A 101 19.27 -12.15 8.18
N HIS A 102 19.94 -11.77 9.25
CA HIS A 102 21.34 -11.40 9.19
C HIS A 102 21.61 -10.44 8.03
N LEU A 103 20.88 -9.33 7.98
CA LEU A 103 21.07 -8.38 6.92
C LEU A 103 22.23 -7.38 7.11
N GLY A 104 22.71 -7.18 8.32
CA GLY A 104 23.81 -6.26 8.55
C GLY A 104 24.68 -6.68 9.71
N ASP A 105 25.15 -7.91 9.63
CA ASP A 105 25.91 -8.60 10.66
C ASP A 105 27.16 -7.97 11.24
N THR A 106 27.91 -7.27 10.40
CA THR A 106 29.15 -6.64 10.75
C THR A 106 28.99 -5.13 10.91
N LYS A 107 27.76 -4.64 10.91
CA LYS A 107 27.62 -3.20 10.90
C LYS A 107 27.12 -2.67 12.25
N THR A 108 26.83 -1.36 12.28
CA THR A 108 26.57 -0.63 13.51
C THR A 108 25.32 0.25 13.32
N PHE A 109 24.15 -0.37 13.28
CA PHE A 109 22.88 0.33 13.12
C PHE A 109 22.10 0.31 14.42
N GLU A 110 21.39 1.40 14.69
CA GLU A 110 20.40 1.42 15.76
C GLU A 110 19.08 0.88 15.21
N LYS A 111 18.16 0.56 16.12
CA LYS A 111 16.86 0.04 15.74
C LYS A 111 16.23 0.85 14.60
N LYS A 112 16.35 2.17 14.69
CA LYS A 112 15.71 3.03 13.71
C LYS A 112 16.30 2.82 12.33
N LYS A 113 17.63 2.69 12.24
CA LYS A 113 18.24 2.53 10.93
C LYS A 113 17.94 1.17 10.33
N LYS A 114 17.82 0.13 11.17
CA LYS A 114 17.43 -1.18 10.68
C LYS A 114 16.04 -1.15 10.05
N GLY A 115 15.09 -0.52 10.76
CA GLY A 115 13.76 -0.35 10.20
C GLY A 115 13.76 0.41 8.90
N ASP A 116 14.51 1.52 8.84
CA ASP A 116 14.67 2.26 7.60
C ASP A 116 15.17 1.36 6.47
N LEU A 117 16.19 0.55 6.75
CA LEU A 117 16.76 -0.32 5.72
C LEU A 117 15.72 -1.30 5.20
N VAL A 118 14.94 -1.90 6.09
CA VAL A 118 13.92 -2.87 5.69
C VAL A 118 12.88 -2.20 4.79
N GLU A 119 12.44 -1.00 5.16
CA GLU A 119 11.46 -0.28 4.35
C GLU A 119 12.01 0.05 2.97
N SER A 120 13.24 0.55 2.90
CA SER A 120 13.80 0.89 1.60
C SER A 120 14.11 -0.35 0.78
N LEU A 121 14.41 -1.48 1.42
CA LEU A 121 14.62 -2.72 0.65
C LEU A 121 13.30 -3.21 0.05
N ILE A 122 12.23 -3.16 0.84
CA ILE A 122 10.91 -3.51 0.32
C ILE A 122 10.53 -2.59 -0.83
N GLY A 123 10.68 -1.29 -0.61
CA GLY A 123 10.25 -0.33 -1.62
C GLY A 123 11.07 -0.45 -2.89
N GLY A 124 12.39 -0.59 -2.77
CA GLY A 124 13.23 -0.72 -3.94
C GLY A 124 12.94 -1.98 -4.75
N CYS A 125 12.68 -3.09 -4.07
CA CYS A 125 12.32 -4.31 -4.77
C CYS A 125 11.01 -4.14 -5.53
N VAL A 126 9.99 -3.58 -4.86
CA VAL A 126 8.68 -3.44 -5.51
C VAL A 126 8.77 -2.51 -6.72
N LEU A 127 9.47 -1.38 -6.58
CA LEU A 127 9.57 -0.44 -7.69
C LEU A 127 10.31 -1.06 -8.86
N LEU A 128 11.37 -1.81 -8.57
CA LEU A 128 12.13 -2.47 -9.63
C LEU A 128 11.29 -3.50 -10.37
N SER A 129 10.41 -4.20 -9.67
CA SER A 129 9.54 -5.16 -10.35
C SER A 129 8.49 -4.47 -11.20
N GLN A 130 8.03 -3.29 -10.78
CA GLN A 130 7.05 -2.55 -11.55
C GLN A 130 7.69 -1.95 -12.82
N ARG A 131 8.94 -1.52 -12.73
CA ARG A 131 9.59 -0.81 -13.81
C ARG A 131 10.26 -1.73 -14.84
N GLU A 132 10.77 -2.87 -14.40
CA GLU A 132 11.57 -3.75 -15.25
C GLU A 132 11.00 -5.16 -15.36
N ASN A 133 9.82 -5.42 -14.78
CA ASN A 133 9.23 -6.76 -14.73
C ASN A 133 10.23 -7.77 -14.18
N ALA A 134 10.86 -7.40 -13.07
CA ALA A 134 11.81 -8.28 -12.40
C ALA A 134 11.08 -8.98 -11.25
N THR A 135 10.24 -9.95 -11.65
CA THR A 135 9.34 -10.64 -10.73
C THR A 135 10.05 -11.20 -9.50
N LEU A 136 11.33 -11.55 -9.63
CA LEU A 136 12.07 -12.09 -8.49
C LEU A 136 12.12 -11.11 -7.33
N PHE A 137 12.26 -9.82 -7.64
CA PHE A 137 12.37 -8.82 -6.59
C PHE A 137 11.03 -8.63 -5.90
N LEU A 138 9.93 -8.75 -6.65
CA LEU A 138 8.60 -8.74 -6.05
C LEU A 138 8.40 -9.95 -5.15
N LEU A 139 8.87 -11.13 -5.59
CA LEU A 139 8.79 -12.33 -4.76
C LEU A 139 9.45 -12.10 -3.41
N PHE A 140 10.66 -11.55 -3.42
CA PHE A 140 11.35 -11.29 -2.15
C PHE A 140 10.58 -10.29 -1.29
N ALA A 141 10.02 -9.24 -1.89
CA ALA A 141 9.35 -8.22 -1.09
C ALA A 141 8.15 -8.83 -0.37
N HIS A 142 7.38 -9.64 -1.07
CA HIS A 142 6.22 -10.28 -0.46
C HIS A 142 6.63 -11.30 0.61
N ALA A 143 7.72 -12.04 0.37
CA ALA A 143 8.15 -13.02 1.36
C ALA A 143 8.62 -12.35 2.65
N LEU A 144 9.38 -11.26 2.52
CA LEU A 144 9.85 -10.48 3.66
C LEU A 144 8.68 -9.94 4.46
N ILE A 145 7.68 -9.37 3.78
CA ILE A 145 6.54 -8.82 4.49
C ILE A 145 5.75 -9.92 5.18
N ASP A 146 5.60 -11.07 4.52
CA ASP A 146 4.87 -12.19 5.13
C ASP A 146 5.55 -12.67 6.40
N TYR A 147 6.88 -12.73 6.41
CA TYR A 147 7.60 -13.14 7.62
C TYR A 147 7.46 -12.09 8.71
N ILE A 148 7.57 -10.82 8.35
CA ILE A 148 7.29 -9.75 9.31
C ILE A 148 5.95 -9.98 9.96
N PHE A 149 4.94 -10.31 9.15
CA PHE A 149 3.60 -10.48 9.68
C PHE A 149 3.49 -11.73 10.56
N TYR A 150 4.04 -12.86 10.11
CA TYR A 150 4.04 -14.03 10.97
C TYR A 150 4.77 -13.74 12.28
N HIS A 151 5.98 -13.19 12.19
CA HIS A 151 6.79 -12.88 13.36
C HIS A 151 6.03 -11.99 14.34
N SER A 152 5.39 -10.95 13.82
CA SER A 152 4.66 -10.01 14.66
C SER A 152 3.42 -10.65 15.26
N SER A 153 2.63 -11.34 14.44
CA SER A 153 1.38 -11.95 14.93
C SER A 153 1.65 -12.92 16.06
N TYR A 154 2.70 -13.74 15.90
CA TYR A 154 3.00 -14.77 16.90
C TYR A 154 3.30 -14.14 18.26
N ILE A 155 4.16 -13.12 18.28
CA ILE A 155 4.48 -12.41 19.52
C ILE A 155 3.25 -11.67 20.04
N TYR A 156 2.54 -10.99 19.14
CA TYR A 156 1.42 -10.14 19.56
C TYR A 156 0.29 -10.97 20.18
N PHE A 157 -0.07 -12.09 19.55
CA PHE A 157 -1.19 -12.84 20.13
C PHE A 157 -0.79 -13.71 21.31
N ASN A 158 0.50 -14.01 21.47
CA ASN A 158 0.90 -14.66 22.72
C ASN A 158 0.89 -13.65 23.88
N ALA A 159 1.27 -12.38 23.62
CA ALA A 159 1.22 -11.33 24.63
C ALA A 159 -0.20 -10.87 24.95
N ASN A 160 -1.10 -10.94 23.97
CA ASN A 160 -2.47 -10.46 24.11
C ASN A 160 -3.40 -11.56 23.65
N PRO A 161 -3.60 -12.60 24.45
CA PRO A 161 -4.41 -13.71 24.00
C PRO A 161 -5.85 -13.28 23.84
N PRO A 162 -6.41 -13.40 22.64
CA PRO A 162 -7.84 -13.14 22.48
C PRO A 162 -8.65 -14.21 23.18
N LYS A 163 -9.87 -13.85 23.50
CA LYS A 163 -10.78 -14.75 24.12
C LYS A 163 -11.10 -15.89 23.18
N LEU A 164 -11.03 -17.10 23.70
CA LEU A 164 -11.33 -18.35 23.03
C LEU A 164 -10.50 -18.81 21.84
N VAL A 165 -10.07 -17.87 21.04
CA VAL A 165 -9.40 -18.15 19.81
C VAL A 165 -7.90 -17.94 19.65
N LYS A 166 -7.20 -17.82 20.75
CA LYS A 166 -5.79 -17.60 20.69
C LYS A 166 -5.05 -18.66 19.88
N GLU A 167 -5.20 -19.90 20.26
CA GLU A 167 -4.51 -20.94 19.53
C GLU A 167 -5.02 -21.06 18.09
N GLU A 168 -6.33 -20.83 17.90
CA GLU A 168 -6.92 -20.93 16.56
C GLU A 168 -6.30 -19.91 15.60
N ILE A 169 -6.21 -18.64 16.00
CA ILE A 169 -5.72 -17.64 15.04
C ILE A 169 -4.21 -17.78 14.83
N ILE A 170 -3.45 -18.10 15.87
CA ILE A 170 -2.02 -18.29 15.67
C ILE A 170 -1.77 -19.47 14.75
N THR A 171 -2.49 -20.57 14.98
CA THR A 171 -2.40 -21.72 14.08
C THR A 171 -2.77 -21.33 12.65
N ASP A 172 -3.83 -20.52 12.51
CA ASP A 172 -4.26 -19.96 11.22
C ASP A 172 -3.12 -19.26 10.50
N ILE A 173 -2.46 -18.32 11.19
CA ILE A 173 -1.40 -17.56 10.55
C ILE A 173 -0.17 -18.42 10.30
N GLN A 174 0.19 -19.28 11.26
CA GLN A 174 1.35 -20.14 11.11
C GLN A 174 1.19 -21.10 9.94
N ASN A 175 0.00 -21.68 9.76
CA ASN A 175 -0.18 -22.63 8.67
C ASN A 175 -0.17 -21.92 7.32
N TRP A 176 -0.74 -20.71 7.27
CA TRP A 176 -0.67 -19.85 6.08
C TRP A 176 0.77 -19.53 5.73
N PHE A 177 1.59 -19.23 6.75
CA PHE A 177 2.99 -18.89 6.51
C PHE A 177 3.80 -20.12 6.08
N LYS A 178 3.54 -21.30 6.69
CA LYS A 178 4.10 -22.56 6.19
C LYS A 178 3.89 -22.70 4.69
N ASP A 179 2.63 -22.59 4.25
CA ASP A 179 2.31 -22.72 2.83
C ASP A 179 2.98 -21.64 2.01
N LYS A 180 3.02 -20.40 2.49
CA LYS A 180 3.70 -19.35 1.74
C LYS A 180 5.17 -19.70 1.53
N LEU A 181 5.82 -20.20 2.57
CA LEU A 181 7.24 -20.55 2.46
C LEU A 181 7.46 -21.64 1.42
N PHE A 182 6.59 -22.66 1.38
CA PHE A 182 6.70 -23.65 0.31
C PHE A 182 6.44 -23.01 -1.04
N TYR A 183 5.47 -22.09 -1.11
CA TYR A 183 5.19 -21.38 -2.36
C TYR A 183 6.40 -20.60 -2.84
N TYR A 184 7.10 -19.93 -1.91
CA TYR A 184 8.31 -19.18 -2.29
C TYR A 184 9.43 -20.11 -2.72
N ARG A 185 9.52 -21.29 -2.11
CA ARG A 185 10.53 -22.27 -2.52
C ARG A 185 10.25 -22.77 -3.93
N SER A 186 8.99 -23.11 -4.20
CA SER A 186 8.60 -23.54 -5.53
C SER A 186 8.76 -22.43 -6.57
N SER A 187 8.42 -21.19 -6.19
CA SER A 187 8.54 -20.07 -7.14
C SER A 187 10.00 -19.80 -7.50
N LEU A 188 10.90 -19.87 -6.51
CA LEU A 188 12.30 -19.52 -6.76
C LEU A 188 13.01 -20.61 -7.56
N GLU A 189 12.57 -21.86 -7.43
CA GLU A 189 13.15 -22.92 -8.25
C GLU A 189 13.07 -22.56 -9.73
N LYS A 190 11.96 -21.91 -10.13
CA LYS A 190 11.80 -21.46 -11.52
C LYS A 190 12.92 -20.51 -11.97
N TYR A 191 13.52 -19.75 -11.06
CA TYR A 191 14.58 -18.82 -11.46
C TYR A 191 15.92 -19.52 -11.59
N GLN A 192 16.23 -20.43 -10.68
CA GLN A 192 17.44 -21.23 -10.84
C GLN A 192 17.35 -22.17 -12.05
N THR A 193 16.17 -22.33 -12.65
CA THR A 193 15.99 -23.18 -13.84
C THR A 193 15.11 -22.50 -14.89
N SER B 1 -2.50 28.69 -24.40
CA SER B 1 -3.05 27.60 -23.62
C SER B 1 -2.02 27.00 -22.65
N SER B 2 -2.46 26.67 -21.44
CA SER B 2 -1.55 26.19 -20.40
C SER B 2 -2.35 25.25 -19.48
N SER B 3 -1.72 24.83 -18.38
CA SER B 3 -2.42 23.95 -17.44
C SER B 3 -3.67 24.59 -16.84
N THR B 4 -3.78 25.93 -16.82
CA THR B 4 -5.00 26.53 -16.29
C THR B 4 -6.17 26.40 -17.26
N THR B 5 -5.88 26.31 -18.55
CA THR B 5 -6.94 26.35 -19.57
C THR B 5 -8.03 25.32 -19.30
N LEU B 6 -7.66 24.05 -19.11
CA LEU B 6 -8.65 22.98 -18.94
C LEU B 6 -8.80 22.49 -17.49
N HIS B 7 -8.25 23.21 -16.51
CA HIS B 7 -8.38 22.78 -15.11
C HIS B 7 -9.84 22.62 -14.69
N ASN B 8 -10.67 23.65 -14.95
CA ASN B 8 -12.09 23.58 -14.61
C ASN B 8 -12.76 22.37 -15.22
N ALA B 9 -12.42 22.06 -16.48
CA ALA B 9 -12.99 20.90 -17.17
C ALA B 9 -12.61 19.59 -16.49
N MSE B 10 -11.45 19.53 -15.84
CA MSE B 10 -11.08 18.33 -15.11
C MSE B 10 -12.11 18.12 -14.03
O MSE B 10 -12.53 17.00 -13.78
CB MSE B 10 -9.69 18.42 -14.48
CG MSE B 10 -8.55 18.68 -15.44
SE MSE B 10 -8.40 17.30 -16.85
CE MSE B 10 -8.96 18.39 -18.38
N GLN B 11 -12.51 19.21 -13.39
CA GLN B 11 -13.43 19.10 -12.26
C GLN B 11 -14.80 18.63 -12.72
N TYR B 12 -15.30 19.19 -13.83
CA TYR B 12 -16.64 18.81 -14.30
C TYR B 12 -16.66 17.36 -14.80
N THR B 13 -15.65 16.97 -15.58
CA THR B 13 -15.65 15.62 -16.15
C THR B 13 -15.38 14.57 -15.08
N ALA B 14 -14.50 14.88 -14.13
CA ALA B 14 -14.36 14.00 -12.98
C ALA B 14 -15.69 13.86 -12.26
N PHE B 15 -16.45 14.96 -12.15
CA PHE B 15 -17.77 14.84 -11.54
C PHE B 15 -18.68 13.93 -12.37
N ASP B 16 -18.68 14.11 -13.70
CA ASP B 16 -19.51 13.29 -14.57
C ASP B 16 -19.18 11.82 -14.41
N VAL B 17 -17.90 11.48 -14.51
CA VAL B 17 -17.49 10.08 -14.62
C VAL B 17 -17.65 9.36 -13.27
N LEU B 18 -17.29 10.03 -12.17
CA LEU B 18 -17.38 9.44 -10.83
C LEU B 18 -18.82 9.33 -10.35
N SER B 19 -19.63 10.36 -10.60
CA SER B 19 -21.06 10.25 -10.32
C SER B 19 -21.68 9.08 -11.09
N SER B 20 -21.21 8.84 -12.32
CA SER B 20 -21.78 7.78 -13.14
C SER B 20 -21.33 6.39 -12.69
N ILE B 21 -20.10 6.26 -12.21
CA ILE B 21 -19.68 4.97 -11.66
C ILE B 21 -20.38 4.72 -10.33
N LEU B 22 -20.51 5.75 -9.50
CA LEU B 22 -21.15 5.58 -8.19
C LEU B 22 -22.63 5.21 -8.32
N ASN B 23 -23.32 5.80 -9.30
CA ASN B 23 -24.73 5.48 -9.48
C ASN B 23 -24.92 4.04 -9.95
N LEU B 24 -24.07 3.55 -10.84
CA LEU B 24 -24.14 2.14 -11.23
C LEU B 24 -23.77 1.19 -10.09
N MSE B 25 -23.06 1.68 -9.08
CA MSE B 25 -22.74 0.89 -7.88
C MSE B 25 -23.98 0.82 -7.01
O MSE B 25 -24.34 -0.25 -6.51
CB MSE B 25 -21.58 1.52 -7.08
CG MSE B 25 -20.21 1.18 -7.61
SE MSE B 25 -18.83 2.35 -6.83
CE MSE B 25 -19.60 2.70 -5.08
N LYS B 26 -24.64 1.95 -6.85
CA LYS B 26 -25.87 1.97 -6.07
C LYS B 26 -26.95 1.09 -6.69
N ALA B 27 -26.81 0.72 -7.97
CA ALA B 27 -27.71 -0.24 -8.61
C ALA B 27 -27.19 -1.68 -8.54
N ASP B 28 -26.02 -1.91 -7.95
CA ASP B 28 -25.45 -3.24 -7.86
C ASP B 28 -25.94 -3.92 -6.59
N PRO B 29 -26.24 -5.22 -6.65
CA PRO B 29 -26.72 -5.92 -5.43
C PRO B 29 -25.74 -5.80 -4.27
N LEU B 30 -24.45 -5.93 -4.55
CA LEU B 30 -23.40 -5.93 -3.53
C LEU B 30 -23.26 -4.58 -2.83
N TYR B 31 -23.91 -3.53 -3.32
CA TYR B 31 -23.72 -2.19 -2.77
C TYR B 31 -24.05 -2.16 -1.27
N ASP B 32 -24.99 -2.99 -0.83
CA ASP B 32 -25.38 -3.00 0.57
C ASP B 32 -24.20 -3.39 1.47
N LEU B 33 -23.36 -4.34 1.02
CA LEU B 33 -22.25 -4.85 1.81
C LEU B 33 -21.30 -3.76 2.32
N LEU B 34 -21.48 -2.51 1.89
CA LEU B 34 -20.74 -1.39 2.45
C LEU B 34 -21.51 -0.86 3.67
N ASP B 44 -20.67 -4.74 14.26
CA ASP B 44 -19.54 -5.43 13.64
C ASP B 44 -18.36 -4.48 13.42
N GLN B 45 -18.65 -3.18 13.40
CA GLN B 45 -17.70 -2.15 13.02
C GLN B 45 -17.04 -2.41 11.67
N GLU B 46 -17.84 -2.82 10.70
CA GLU B 46 -17.30 -3.03 9.36
C GLU B 46 -16.88 -1.70 8.75
N TYR B 47 -17.55 -0.60 9.13
CA TYR B 47 -17.18 0.73 8.66
C TYR B 47 -15.77 1.09 9.10
N GLU B 48 -15.44 0.83 10.36
CA GLU B 48 -14.11 1.13 10.86
C GLU B 48 -13.06 0.24 10.23
N LYS B 49 -13.41 -1.00 9.87
CA LYS B 49 -12.46 -1.90 9.23
C LYS B 49 -12.17 -1.47 7.80
N ASN B 50 -13.21 -1.03 7.07
CA ASN B 50 -13.01 -0.46 5.74
C ASN B 50 -12.17 0.80 5.80
N GLU B 51 -12.42 1.63 6.80
CA GLU B 51 -11.63 2.84 7.03
C GLU B 51 -10.19 2.51 7.36
N PHE B 52 -9.97 1.54 8.25
CA PHE B 52 -8.64 1.03 8.57
C PHE B 52 -7.87 0.65 7.32
N TYR B 53 -8.48 -0.16 6.46
CA TYR B 53 -7.81 -0.60 5.25
C TYR B 53 -7.74 0.51 4.18
N GLY B 54 -8.80 1.30 4.01
CA GLY B 54 -8.79 2.33 2.98
C GLY B 54 -7.71 3.37 3.21
N ASP B 55 -7.51 3.74 4.47
CA ASP B 55 -6.43 4.65 4.83
C ASP B 55 -5.09 4.14 4.29
N SER B 56 -4.79 2.85 4.50
CA SER B 56 -3.51 2.33 4.02
C SER B 56 -3.50 2.17 2.50
N TYR B 57 -4.63 1.80 1.89
CA TYR B 57 -4.68 1.67 0.44
C TYR B 57 -4.47 3.01 -0.25
N LEU B 58 -5.13 4.06 0.23
CA LEU B 58 -4.90 5.41 -0.28
C LEU B 58 -3.44 5.82 -0.12
N GLU B 59 -2.84 5.51 1.03
CA GLU B 59 -1.46 5.93 1.27
C GLU B 59 -0.51 5.32 0.25
N GLU B 60 -0.62 4.01 0.02
CA GLU B 60 0.28 3.36 -0.93
C GLU B 60 0.04 3.87 -2.34
N ARG B 61 -1.22 4.04 -2.71
CA ARG B 61 -1.51 4.48 -4.07
C ARG B 61 -1.05 5.93 -4.28
N ALA B 62 -1.26 6.79 -3.27
CA ALA B 62 -0.78 8.17 -3.41
C ALA B 62 0.73 8.22 -3.51
N SER B 63 1.42 7.42 -2.70
CA SER B 63 2.88 7.38 -2.70
C SER B 63 3.41 6.92 -4.05
N SER B 64 2.76 5.90 -4.63
CA SER B 64 3.14 5.43 -5.94
C SER B 64 2.99 6.54 -6.98
N LEU B 65 1.89 7.30 -6.92
CA LEU B 65 1.68 8.39 -7.87
C LEU B 65 2.65 9.54 -7.65
N VAL B 66 2.96 9.87 -6.39
CA VAL B 66 3.99 10.88 -6.11
C VAL B 66 5.31 10.51 -6.79
N LEU B 67 5.75 9.26 -6.62
CA LEU B 67 7.01 8.82 -7.22
C LEU B 67 6.96 8.87 -8.74
N LYS B 68 5.85 8.41 -9.31
CA LYS B 68 5.72 8.34 -10.76
C LYS B 68 5.99 9.69 -11.43
N PHE B 69 5.47 10.78 -10.85
CA PHE B 69 5.57 12.06 -11.54
C PHE B 69 6.80 12.87 -11.14
N LEU B 70 7.18 12.84 -9.86
CA LEU B 70 8.26 13.70 -9.39
C LEU B 70 9.65 13.18 -9.77
N ARG B 71 9.83 11.85 -9.82
CA ARG B 71 11.17 11.31 -10.07
C ARG B 71 11.73 11.73 -11.42
N LYS B 72 10.85 12.10 -12.37
CA LYS B 72 11.26 12.57 -13.69
C LYS B 72 12.03 13.88 -13.63
N TYR B 73 11.93 14.64 -12.53
CA TYR B 73 12.46 16.00 -12.43
C TYR B 73 13.41 16.08 -11.25
N GLU B 74 14.72 16.13 -11.53
CA GLU B 74 15.68 16.26 -10.43
C GLU B 74 15.70 17.66 -9.84
N GLN B 75 15.04 18.65 -10.47
CA GLN B 75 14.80 19.93 -9.81
C GLN B 75 14.04 19.79 -8.50
N ILE B 76 13.38 18.66 -8.27
CA ILE B 76 12.39 18.52 -7.22
C ILE B 76 13.04 17.84 -6.02
N PRO B 77 13.21 18.52 -4.88
CA PRO B 77 13.82 17.89 -3.72
C PRO B 77 12.88 16.88 -3.07
N PHE B 78 13.47 16.03 -2.21
CA PHE B 78 12.71 14.96 -1.60
C PHE B 78 11.62 15.50 -0.68
N GLU B 79 11.85 16.64 -0.05
CA GLU B 79 10.86 17.25 0.83
C GLU B 79 9.51 17.43 0.14
N MSE B 80 9.52 17.63 -1.16
CA MSE B 80 8.28 17.75 -1.95
C MSE B 80 7.55 16.43 -2.15
O MSE B 80 6.34 16.40 -2.35
CB MSE B 80 8.58 18.40 -3.30
CG MSE B 80 9.05 19.86 -3.19
SE MSE B 80 8.54 20.89 -4.78
CE MSE B 80 10.06 20.81 -5.93
N TYR B 81 8.30 15.32 -2.07
CA TYR B 81 7.67 14.00 -2.10
C TYR B 81 6.79 13.79 -0.88
N SER B 82 7.38 13.95 0.32
CA SER B 82 6.61 13.87 1.55
C SER B 82 5.54 14.96 1.63
N GLY B 83 5.88 16.16 1.20
CA GLY B 83 4.91 17.26 1.19
C GLY B 83 3.67 16.96 0.36
N LEU B 84 3.85 16.52 -0.88
CA LEU B 84 2.69 16.22 -1.71
C LEU B 84 1.89 15.05 -1.16
N ARG B 85 2.56 14.01 -0.67
CA ARG B 85 1.81 12.89 -0.10
C ARG B 85 0.96 13.36 1.06
N ILE B 86 1.54 14.13 1.99
CA ILE B 86 0.76 14.63 3.13
C ILE B 86 -0.41 15.46 2.64
N HIS B 87 -0.14 16.39 1.71
CA HIS B 87 -1.17 17.24 1.13
C HIS B 87 -2.28 16.43 0.49
N THR B 88 -1.94 15.27 -0.09
CA THR B 88 -2.90 14.50 -0.87
C THR B 88 -3.84 13.70 0.01
N VAL B 89 -3.34 13.13 1.11
CA VAL B 89 -4.16 12.23 1.92
C VAL B 89 -4.74 12.91 3.15
N LYS B 90 -4.48 14.21 3.37
CA LYS B 90 -4.95 14.84 4.59
C LYS B 90 -6.47 15.06 4.56
N ASN B 91 -7.06 15.18 5.74
CA ASN B 91 -8.51 15.25 5.87
C ASN B 91 -9.10 16.44 5.12
N GLN B 92 -8.41 17.58 5.10
CA GLN B 92 -8.94 18.74 4.37
C GLN B 92 -9.13 18.43 2.88
N THR B 93 -8.15 17.75 2.26
CA THR B 93 -8.25 17.40 0.84
C THR B 93 -9.36 16.39 0.59
N LEU B 94 -9.42 15.33 1.42
CA LEU B 94 -10.50 14.37 1.24
C LEU B 94 -11.84 15.04 1.44
N GLY B 95 -11.90 15.99 2.37
CA GLY B 95 -13.12 16.75 2.62
C GLY B 95 -13.52 17.64 1.46
N GLU B 96 -12.54 18.30 0.83
CA GLU B 96 -12.82 19.05 -0.40
C GLU B 96 -13.38 18.14 -1.48
N ILE B 97 -12.80 16.94 -1.63
CA ILE B 97 -13.28 16.01 -2.64
C ILE B 97 -14.67 15.50 -2.30
N PHE B 98 -14.92 15.27 -1.01
CA PHE B 98 -16.26 14.89 -0.55
C PHE B 98 -17.31 15.88 -1.03
N ASP B 99 -17.05 17.17 -0.84
CA ASP B 99 -18.02 18.20 -1.22
C ASP B 99 -18.18 18.27 -2.73
N LEU B 100 -17.07 18.29 -3.46
CA LEU B 100 -17.12 18.40 -4.92
C LEU B 100 -17.92 17.28 -5.55
N LEU B 101 -17.82 16.05 -5.02
CA LEU B 101 -18.55 14.93 -5.59
C LEU B 101 -19.92 14.70 -4.96
N HIS B 102 -20.33 15.55 -4.02
CA HIS B 102 -21.63 15.47 -3.35
C HIS B 102 -21.90 14.09 -2.76
N LEU B 103 -21.02 13.68 -1.85
CA LEU B 103 -21.19 12.37 -1.22
C LEU B 103 -22.09 12.44 0.02
N GLU B 110 -16.20 18.33 10.82
CA GLU B 110 -16.59 18.26 9.41
C GLU B 110 -15.50 17.53 8.59
N LYS B 111 -14.39 18.23 8.35
CA LYS B 111 -13.27 17.68 7.60
C LYS B 111 -12.81 16.32 8.13
N LYS B 112 -13.05 16.02 9.41
CA LYS B 112 -12.61 14.73 9.92
C LYS B 112 -13.53 13.60 9.45
N LYS B 113 -14.85 13.76 9.63
CA LYS B 113 -15.76 12.68 9.27
C LYS B 113 -15.87 12.52 7.76
N LYS B 114 -15.73 13.59 6.99
CA LYS B 114 -15.70 13.46 5.54
C LYS B 114 -14.50 12.64 5.09
N GLY B 115 -13.31 12.93 5.63
CA GLY B 115 -12.15 12.12 5.31
C GLY B 115 -12.32 10.66 5.69
N ASP B 116 -12.79 10.39 6.93
CA ASP B 116 -13.10 9.03 7.34
C ASP B 116 -14.05 8.37 6.35
N LEU B 117 -15.09 9.09 5.91
CA LEU B 117 -16.02 8.55 4.94
C LEU B 117 -15.31 8.21 3.65
N VAL B 118 -14.44 9.11 3.19
CA VAL B 118 -13.74 8.86 1.94
C VAL B 118 -12.83 7.64 2.08
N GLU B 119 -12.12 7.55 3.19
CA GLU B 119 -11.25 6.39 3.41
C GLU B 119 -12.03 5.09 3.47
N SER B 120 -13.13 5.05 4.22
CA SER B 120 -13.88 3.80 4.33
C SER B 120 -14.57 3.44 3.02
N LEU B 121 -14.89 4.44 2.20
CA LEU B 121 -15.46 4.17 0.89
C LEU B 121 -14.41 3.56 -0.04
N ILE B 122 -13.19 4.09 -0.01
CA ILE B 122 -12.11 3.47 -0.78
C ILE B 122 -11.87 2.05 -0.29
N GLY B 123 -11.76 1.89 1.03
CA GLY B 123 -11.43 0.57 1.56
C GLY B 123 -12.50 -0.45 1.28
N GLY B 124 -13.76 -0.07 1.50
CA GLY B 124 -14.85 -1.00 1.25
C GLY B 124 -14.98 -1.41 -0.20
N CYS B 125 -14.77 -0.46 -1.13
CA CYS B 125 -14.82 -0.84 -2.55
C CYS B 125 -13.72 -1.83 -2.90
N VAL B 126 -12.48 -1.57 -2.48
CA VAL B 126 -11.37 -2.46 -2.83
C VAL B 126 -11.62 -3.84 -2.26
N LEU B 127 -12.04 -3.90 -0.99
CA LEU B 127 -12.27 -5.19 -0.34
C LEU B 127 -13.44 -5.91 -1.00
N LEU B 128 -14.48 -5.17 -1.36
CA LEU B 128 -15.63 -5.79 -2.01
C LEU B 128 -15.25 -6.32 -3.39
N SER B 129 -14.34 -5.65 -4.09
CA SER B 129 -13.88 -6.18 -5.37
C SER B 129 -13.01 -7.41 -5.19
N GLN B 130 -12.23 -7.47 -4.10
CA GLN B 130 -11.39 -8.64 -3.84
C GLN B 130 -12.24 -9.85 -3.44
N ARG B 131 -13.32 -9.60 -2.69
CA ARG B 131 -14.16 -10.66 -2.12
C ARG B 131 -15.22 -11.15 -3.08
N GLU B 132 -15.75 -10.30 -3.95
CA GLU B 132 -16.87 -10.66 -4.81
C GLU B 132 -16.56 -10.58 -6.30
N ASN B 133 -15.31 -10.31 -6.67
CA ASN B 133 -14.95 -10.13 -8.08
C ASN B 133 -15.83 -9.06 -8.73
N ALA B 134 -16.02 -7.95 -8.01
CA ALA B 134 -16.86 -6.84 -8.46
C ALA B 134 -15.99 -5.69 -8.95
N THR B 135 -15.41 -5.89 -10.14
CA THR B 135 -14.46 -4.95 -10.74
C THR B 135 -14.96 -3.51 -10.78
N LEU B 136 -16.29 -3.30 -10.84
CA LEU B 136 -16.83 -1.94 -10.86
C LEU B 136 -16.43 -1.17 -9.61
N PHE B 137 -16.40 -1.86 -8.46
CA PHE B 137 -16.06 -1.17 -7.22
C PHE B 137 -14.58 -0.85 -7.15
N LEU B 138 -13.73 -1.71 -7.73
CA LEU B 138 -12.31 -1.38 -7.87
C LEU B 138 -12.11 -0.21 -8.82
N LEU B 139 -12.86 -0.20 -9.94
CA LEU B 139 -12.79 0.91 -10.89
C LEU B 139 -13.07 2.23 -10.18
N PHE B 140 -14.14 2.28 -9.38
CA PHE B 140 -14.46 3.51 -8.67
C PHE B 140 -13.36 3.90 -7.70
N ALA B 141 -12.76 2.92 -7.02
CA ALA B 141 -11.76 3.25 -6.01
C ALA B 141 -10.54 3.90 -6.65
N HIS B 142 -10.09 3.33 -7.78
CA HIS B 142 -8.96 3.88 -8.51
C HIS B 142 -9.29 5.24 -9.12
N ALA B 143 -10.53 5.40 -9.60
CA ALA B 143 -10.92 6.68 -10.17
C ALA B 143 -10.96 7.76 -9.11
N LEU B 144 -11.52 7.45 -7.94
CA LEU B 144 -11.57 8.41 -6.85
C LEU B 144 -10.17 8.85 -6.41
N ILE B 145 -9.26 7.90 -6.22
CA ILE B 145 -7.90 8.23 -5.78
C ILE B 145 -7.17 9.07 -6.84
N ASP B 146 -7.36 8.71 -8.12
CA ASP B 146 -6.74 9.50 -9.20
C ASP B 146 -7.22 10.94 -9.18
N TYR B 147 -8.52 11.15 -8.93
CA TYR B 147 -9.05 12.50 -8.86
C TYR B 147 -8.52 13.22 -7.61
N ILE B 148 -8.52 12.53 -6.47
CA ILE B 148 -7.88 13.06 -5.27
C ILE B 148 -6.47 13.52 -5.60
N PHE B 149 -5.72 12.69 -6.31
CA PHE B 149 -4.32 13.03 -6.61
C PHE B 149 -4.21 14.21 -7.58
N TYR B 150 -5.01 14.25 -8.65
CA TYR B 150 -4.98 15.41 -9.55
C TYR B 150 -5.36 16.68 -8.79
N HIS B 151 -6.47 16.63 -8.05
CA HIS B 151 -6.95 17.78 -7.29
C HIS B 151 -5.88 18.32 -6.36
N SER B 152 -5.23 17.41 -5.62
CA SER B 152 -4.21 17.80 -4.64
C SER B 152 -2.97 18.35 -5.32
N SER B 153 -2.48 17.65 -6.36
CA SER B 153 -1.27 18.05 -7.08
C SER B 153 -1.41 19.42 -7.69
N TYR B 154 -2.54 19.68 -8.35
CA TYR B 154 -2.73 20.97 -9.00
C TYR B 154 -2.64 22.09 -7.98
N ILE B 155 -3.31 21.91 -6.84
CA ILE B 155 -3.27 22.92 -5.78
C ILE B 155 -1.88 22.98 -5.15
N TYR B 156 -1.26 21.82 -4.87
CA TYR B 156 0.01 21.83 -4.17
C TYR B 156 1.11 22.50 -4.99
N PHE B 157 1.17 22.23 -6.29
CA PHE B 157 2.24 22.81 -7.08
C PHE B 157 1.99 24.26 -7.45
N ASN B 158 0.73 24.72 -7.43
CA ASN B 158 0.49 26.15 -7.54
C ASN B 158 0.91 26.89 -6.28
N ALA B 159 0.69 26.28 -5.10
CA ALA B 159 1.17 26.90 -3.87
C ALA B 159 2.67 26.73 -3.70
N ASN B 160 3.25 25.63 -4.19
CA ASN B 160 4.67 25.33 -4.01
C ASN B 160 5.31 25.02 -5.36
N PRO B 161 5.54 26.04 -6.17
CA PRO B 161 6.06 25.80 -7.52
C PRO B 161 7.47 25.24 -7.45
N PRO B 162 7.71 24.11 -8.10
CA PRO B 162 9.07 23.62 -8.22
C PRO B 162 9.90 24.56 -9.08
N LYS B 163 11.21 24.42 -8.99
CA LYS B 163 12.10 25.26 -9.75
C LYS B 163 11.96 24.93 -11.22
N LEU B 164 11.69 25.95 -12.03
CA LEU B 164 11.59 25.84 -13.46
C LEU B 164 10.61 24.88 -14.13
N VAL B 165 10.22 23.82 -13.45
CA VAL B 165 9.36 22.83 -14.05
C VAL B 165 7.92 22.80 -13.57
N LYS B 166 7.44 23.87 -13.00
CA LYS B 166 6.08 23.89 -12.47
C LYS B 166 5.05 23.56 -13.56
N GLU B 167 5.13 24.24 -14.70
CA GLU B 167 4.13 24.00 -15.74
C GLU B 167 4.28 22.62 -16.34
N GLU B 168 5.52 22.15 -16.50
CA GLU B 168 5.76 20.83 -17.06
C GLU B 168 5.12 19.73 -16.21
N ILE B 169 5.37 19.74 -14.90
CA ILE B 169 4.89 18.63 -14.08
C ILE B 169 3.37 18.70 -13.92
N ILE B 170 2.79 19.91 -13.79
CA ILE B 170 1.33 19.98 -13.71
C ILE B 170 0.72 19.48 -15.00
N THR B 171 1.28 19.91 -16.14
CA THR B 171 0.85 19.40 -17.43
C THR B 171 0.99 17.89 -17.50
N ASP B 172 2.11 17.34 -17.01
CA ASP B 172 2.26 15.89 -16.94
C ASP B 172 1.08 15.26 -16.22
N ILE B 173 0.79 15.75 -15.02
CA ILE B 173 -0.28 15.18 -14.20
C ILE B 173 -1.65 15.45 -14.84
N GLN B 174 -1.85 16.66 -15.35
CA GLN B 174 -3.14 16.95 -15.96
C GLN B 174 -3.37 16.07 -17.18
N ASN B 175 -2.34 15.85 -18.00
CA ASN B 175 -2.54 15.03 -19.20
C ASN B 175 -2.72 13.56 -18.85
N TRP B 176 -2.04 13.08 -17.80
CA TRP B 176 -2.31 11.74 -17.28
C TRP B 176 -3.76 11.62 -16.81
N PHE B 177 -4.26 12.63 -16.10
CA PHE B 177 -5.64 12.57 -15.60
C PHE B 177 -6.66 12.66 -16.74
N LYS B 178 -6.40 13.50 -17.75
CA LYS B 178 -7.23 13.48 -18.95
C LYS B 178 -7.39 12.05 -19.47
N ASP B 179 -6.27 11.36 -19.67
CA ASP B 179 -6.32 9.99 -20.19
C ASP B 179 -7.01 9.04 -19.22
N LYS B 180 -6.79 9.20 -17.90
CA LYS B 180 -7.51 8.35 -16.95
C LYS B 180 -9.02 8.56 -17.06
N LEU B 181 -9.46 9.81 -17.22
CA LEU B 181 -10.89 10.09 -17.29
C LEU B 181 -11.51 9.41 -18.50
N PHE B 182 -10.83 9.46 -19.65
CA PHE B 182 -11.31 8.71 -20.82
C PHE B 182 -11.28 7.21 -20.57
N TYR B 183 -10.21 6.71 -19.94
CA TYR B 183 -10.14 5.27 -19.65
C TYR B 183 -11.29 4.82 -18.77
N TYR B 184 -11.63 5.62 -17.76
CA TYR B 184 -12.74 5.28 -16.86
C TYR B 184 -14.07 5.37 -17.58
N ARG B 185 -14.20 6.31 -18.52
CA ARG B 185 -15.39 6.36 -19.36
C ARG B 185 -15.47 5.13 -20.26
N SER B 186 -14.35 4.72 -20.86
CA SER B 186 -14.29 3.51 -21.67
C SER B 186 -14.54 2.26 -20.85
N SER B 187 -13.89 2.15 -19.67
CA SER B 187 -14.05 0.97 -18.83
C SER B 187 -15.49 0.84 -18.37
N LEU B 188 -16.13 1.96 -18.06
CA LEU B 188 -17.46 1.96 -17.46
C LEU B 188 -18.54 1.52 -18.44
N GLU B 189 -18.39 1.82 -19.73
CA GLU B 189 -19.41 1.47 -20.71
C GLU B 189 -19.75 -0.02 -20.70
N LYS B 190 -18.82 -0.87 -20.26
CA LYS B 190 -19.03 -2.31 -20.27
C LYS B 190 -20.00 -2.79 -19.17
N TYR B 191 -20.43 -1.91 -18.27
CA TYR B 191 -21.35 -2.30 -17.20
C TYR B 191 -22.76 -1.86 -17.55
S SO4 C . -1.80 -14.55 0.31
O1 SO4 C . -1.22 -15.50 -0.63
O2 SO4 C . -2.76 -15.24 1.17
O3 SO4 C . -0.74 -13.95 1.13
O4 SO4 C . -2.48 -13.47 -0.42
S SO4 D . -1.47 4.51 -14.06
O1 SO4 D . -1.17 3.80 -12.80
O2 SO4 D . -1.87 3.56 -15.10
O3 SO4 D . -2.55 5.45 -13.83
O4 SO4 D . -0.28 5.24 -14.53
#